data_7RV4
#
_entry.id   7RV4
#
_cell.length_a   30.702
_cell.length_b   72.781
_cell.length_c   55.514
_cell.angle_alpha   90.000
_cell.angle_beta   106.380
_cell.angle_gamma   90.000
#
_symmetry.space_group_name_H-M   'C 1 2 1'
#
loop_
_entity.id
_entity.type
_entity.pdbx_description
1 polymer 'Isoform 2 of B-cell lymphoma 6 protein'
2 non-polymer N-(3-chloropyridin-4-yl)-2-{5-(3-cyanophenyl)-3-[3-(1-methyl-1H-pyrazol-4-yl)prop-2-yn-1-yl]-4-oxo-3,4-dihydro-7H-pyrrolo[2,3-d]pyrimidin-7-yl}acetamide
3 non-polymer 'DIMETHYL SULFOXIDE'
4 non-polymer 'SULFATE ION'
5 non-polymer 'CHLORIDE ION'
6 water water
#
_entity_poly.entity_id   1
_entity_poly.type   'polypeptide(L)'
_entity_poly.pdbx_seq_one_letter_code
;GSADSQIQFTRHASDVLLNLNRLRSRDILTDVVIVVSREQFRAHKTVLMACSGLFYSIFTDQLKRNLSVINLDPEINPEG
FNILLDFMYTSRLNLREGNIMAVMATAMYLQMEHVVDTCRKFIKASE
;
_entity_poly.pdbx_strand_id   A
#
# COMPACT_ATOMS: atom_id res chain seq x y z
N SER A 5 2.73 31.66 -1.18
CA SER A 5 3.65 32.53 -1.98
C SER A 5 4.88 31.75 -2.47
N GLN A 6 5.08 30.53 -1.98
CA GLN A 6 6.29 29.75 -2.30
C GLN A 6 6.25 29.33 -3.78
N ILE A 7 7.42 29.05 -4.30
CA ILE A 7 7.58 28.44 -5.64
C ILE A 7 7.15 26.98 -5.54
N GLN A 8 6.31 26.54 -6.45
CA GLN A 8 5.74 25.17 -6.43
C GLN A 8 6.48 24.31 -7.43
N PHE A 9 6.89 23.12 -6.97
CA PHE A 9 7.60 22.13 -7.80
C PHE A 9 6.63 20.97 -8.10
N THR A 10 6.00 21.01 -9.27
CA THR A 10 4.84 20.13 -9.57
C THR A 10 5.23 18.67 -9.66
N ARG A 11 6.48 18.35 -10.00
N ARG A 11 6.48 18.36 -10.00
CA ARG A 11 6.90 16.94 -10.18
CA ARG A 11 6.95 16.97 -10.19
C ARG A 11 7.60 16.43 -8.91
C ARG A 11 7.57 16.43 -8.91
N HIS A 12 7.77 17.26 -7.88
CA HIS A 12 8.61 16.86 -6.73
C HIS A 12 8.00 15.65 -6.01
N ALA A 13 6.71 15.69 -5.69
CA ALA A 13 6.14 14.58 -4.88
C ALA A 13 6.30 13.25 -5.63
N SER A 14 6.08 13.25 -6.94
N SER A 14 6.08 13.25 -6.94
CA SER A 14 6.26 12.02 -7.76
CA SER A 14 6.25 12.04 -7.80
C SER A 14 7.73 11.57 -7.74
C SER A 14 7.72 11.58 -7.77
N ASP A 15 8.65 12.52 -7.78
CA ASP A 15 10.08 12.20 -7.71
C ASP A 15 10.39 11.54 -6.37
N VAL A 16 9.86 12.08 -5.29
CA VAL A 16 10.10 11.50 -3.95
C VAL A 16 9.56 10.07 -3.95
N LEU A 17 8.33 9.88 -4.40
CA LEU A 17 7.72 8.54 -4.34
C LEU A 17 8.53 7.55 -5.18
N LEU A 18 8.98 7.95 -6.36
CA LEU A 18 9.82 7.09 -7.20
C LEU A 18 11.07 6.68 -6.42
N ASN A 19 11.72 7.64 -5.78
CA ASN A 19 12.94 7.29 -5.03
C ASN A 19 12.64 6.40 -3.83
N LEU A 20 11.50 6.59 -3.17
CA LEU A 20 11.13 5.67 -2.08
C LEU A 20 10.90 4.26 -2.63
N ASN A 21 10.29 4.14 -3.81
CA ASN A 21 10.09 2.82 -4.42
C ASN A 21 11.46 2.22 -4.78
N ARG A 22 12.39 3.05 -5.26
CA ARG A 22 13.75 2.53 -5.55
C ARG A 22 14.41 2.02 -4.29
N LEU A 23 14.25 2.72 -3.17
CA LEU A 23 14.79 2.23 -1.90
C LEU A 23 14.12 0.90 -1.53
N ARG A 24 12.81 0.79 -1.69
CA ARG A 24 12.12 -0.48 -1.39
C ARG A 24 12.71 -1.62 -2.24
N SER A 25 12.95 -1.35 -3.52
CA SER A 25 13.48 -2.39 -4.44
C SER A 25 14.87 -2.85 -4.02
N ARG A 26 15.61 -2.06 -3.26
CA ARG A 26 16.94 -2.42 -2.75
C ARG A 26 16.89 -2.82 -1.29
N ASP A 27 15.71 -2.85 -0.70
CA ASP A 27 15.49 -3.15 0.72
C ASP A 27 16.25 -2.18 1.64
N ILE A 28 16.40 -0.93 1.22
CA ILE A 28 17.11 0.08 2.01
C ILE A 28 16.14 0.77 2.97
N LEU A 29 16.43 0.62 4.25
CA LEU A 29 15.70 1.23 5.37
C LEU A 29 14.26 0.74 5.46
N THR A 30 13.92 -0.34 4.78
CA THR A 30 12.65 -1.04 5.08
C THR A 30 12.69 -1.49 6.53
N ASP A 31 11.56 -1.44 7.19
CA ASP A 31 11.50 -1.67 8.64
C ASP A 31 10.34 -2.58 9.03
N VAL A 32 9.68 -3.19 8.07
CA VAL A 32 8.59 -4.14 8.39
C VAL A 32 8.49 -5.16 7.26
N VAL A 33 8.07 -6.35 7.64
CA VAL A 33 7.63 -7.33 6.62
CA VAL A 33 7.66 -7.44 6.72
C VAL A 33 6.16 -7.63 6.91
N ILE A 34 5.40 -7.59 5.85
CA ILE A 34 3.96 -7.88 5.85
C ILE A 34 3.81 -9.31 5.34
N VAL A 35 3.27 -10.18 6.16
CA VAL A 35 3.08 -11.61 5.85
C VAL A 35 1.64 -11.79 5.40
N VAL A 36 1.49 -12.33 4.21
CA VAL A 36 0.17 -12.56 3.59
C VAL A 36 0.16 -14.02 3.17
N SER A 37 -0.38 -14.86 4.04
CA SER A 37 -0.39 -16.33 3.86
C SER A 37 1.04 -16.80 3.60
N ARG A 38 1.38 -17.37 2.45
CA ARG A 38 2.71 -17.99 2.28
C ARG A 38 3.72 -16.99 1.74
N GLU A 39 3.29 -15.75 1.49
CA GLU A 39 4.17 -14.71 0.91
C GLU A 39 4.49 -13.65 1.94
N GLN A 40 5.58 -12.95 1.68
CA GLN A 40 6.05 -11.86 2.56
C GLN A 40 6.43 -10.69 1.66
N PHE A 41 6.20 -9.47 2.13
CA PHE A 41 6.53 -8.23 1.41
C PHE A 41 7.14 -7.23 2.38
N ARG A 42 8.32 -6.75 2.06
N ARG A 42 8.31 -6.72 2.05
CA ARG A 42 8.96 -5.71 2.89
CA ARG A 42 9.01 -5.73 2.90
C ARG A 42 8.51 -4.33 2.43
C ARG A 42 8.70 -4.31 2.42
N ALA A 43 8.52 -3.41 3.38
CA ALA A 43 8.06 -2.05 3.11
C ALA A 43 8.61 -1.08 4.17
N HIS A 44 8.34 0.18 3.91
CA HIS A 44 8.59 1.27 4.88
C HIS A 44 7.29 1.54 5.63
N LYS A 45 7.34 1.47 6.95
CA LYS A 45 6.14 1.75 7.74
C LYS A 45 5.58 3.12 7.43
N THR A 46 6.42 4.14 7.21
CA THR A 46 5.92 5.48 6.92
C THR A 46 5.04 5.50 5.70
N VAL A 47 5.44 4.81 4.63
CA VAL A 47 4.63 4.80 3.39
C VAL A 47 3.34 4.04 3.65
N LEU A 48 3.41 2.93 4.35
CA LEU A 48 2.19 2.16 4.65
C LEU A 48 1.21 3.04 5.44
N MET A 49 1.69 3.78 6.45
CA MET A 49 0.83 4.65 7.26
C MET A 49 0.24 5.76 6.40
N ALA A 50 1.02 6.27 5.46
CA ALA A 50 0.59 7.35 4.57
C ALA A 50 -0.53 6.90 3.63
N CYS A 51 -0.63 5.60 3.37
CA CYS A 51 -1.54 5.11 2.31
C CYS A 51 -2.66 4.20 2.78
N SER A 52 -2.72 3.86 4.07
CA SER A 52 -3.66 2.82 4.54
C SER A 52 -4.18 3.19 5.92
N GLY A 53 -5.50 3.19 6.10
CA GLY A 53 -6.04 3.40 7.44
C GLY A 53 -5.69 2.26 8.37
N LEU A 54 -5.61 1.03 7.86
CA LEU A 54 -5.24 -0.11 8.72
C LEU A 54 -3.81 0.10 9.23
N PHE A 55 -2.87 0.34 8.32
CA PHE A 55 -1.48 0.49 8.79
C PHE A 55 -1.27 1.74 9.63
N TYR A 56 -1.99 2.80 9.31
CA TYR A 56 -1.94 4.01 10.16
C TYR A 56 -2.34 3.63 11.60
N SER A 57 -3.46 2.93 11.73
CA SER A 57 -4.01 2.59 13.06
CA SER A 57 -4.03 2.58 13.05
C SER A 57 -3.07 1.64 13.79
N ILE A 58 -2.43 0.72 13.07
CA ILE A 58 -1.47 -0.21 13.72
C ILE A 58 -0.27 0.59 14.22
N PHE A 59 0.44 1.27 13.33
CA PHE A 59 1.75 1.83 13.72
C PHE A 59 1.64 3.13 14.55
N THR A 60 0.52 3.84 14.54
CA THR A 60 0.37 5.02 15.44
C THR A 60 0.29 4.51 16.88
N ASP A 61 -0.23 3.31 17.10
CA ASP A 61 -0.38 2.80 18.48
C ASP A 61 1.00 2.46 19.05
N GLN A 62 1.39 3.08 20.17
CA GLN A 62 2.74 2.85 20.75
C GLN A 62 2.90 1.38 21.13
N LEU A 63 1.80 0.66 21.34
CA LEU A 63 1.83 -0.79 21.59
C LEU A 63 2.47 -1.51 20.39
N LYS A 64 2.22 -1.05 19.16
CA LYS A 64 2.53 -1.85 17.93
C LYS A 64 3.54 -1.15 17.03
N ARG A 65 3.89 0.07 17.34
CA ARG A 65 4.70 0.85 16.41
C ARG A 65 6.02 0.16 16.08
N ASN A 66 6.63 -0.53 17.04
CA ASN A 66 7.98 -1.13 16.87
C ASN A 66 7.90 -2.55 16.30
N LEU A 67 6.73 -3.05 15.93
CA LEU A 67 6.64 -4.40 15.35
C LEU A 67 7.47 -4.48 14.06
N SER A 68 8.17 -5.57 13.86
CA SER A 68 8.96 -5.79 12.63
C SER A 68 8.22 -6.72 11.66
N VAL A 69 7.17 -7.38 12.14
CA VAL A 69 6.38 -8.33 11.32
C VAL A 69 4.91 -8.06 11.61
N ILE A 70 4.11 -7.93 10.56
CA ILE A 70 2.64 -7.83 10.64
C ILE A 70 2.09 -8.98 9.84
N ASN A 71 1.28 -9.80 10.46
CA ASN A 71 0.54 -10.91 9.82
C ASN A 71 -0.84 -10.43 9.45
N LEU A 72 -1.14 -10.35 8.16
CA LEU A 72 -2.48 -9.98 7.73
C LEU A 72 -3.43 -11.16 7.91
N ASP A 73 -4.70 -10.83 7.89
CA ASP A 73 -5.78 -11.82 7.86
C ASP A 73 -5.45 -12.90 6.83
N PRO A 74 -5.47 -14.22 7.21
CA PRO A 74 -5.19 -15.31 6.29
C PRO A 74 -6.10 -15.37 5.06
N GLU A 75 -7.24 -14.68 5.09
CA GLU A 75 -8.18 -14.64 3.94
C GLU A 75 -7.67 -13.70 2.86
N ILE A 76 -6.73 -12.81 3.17
CA ILE A 76 -6.29 -11.79 2.17
C ILE A 76 -5.50 -12.46 1.06
N ASN A 77 -5.87 -12.12 -0.17
CA ASN A 77 -5.23 -12.57 -1.42
C ASN A 77 -3.85 -11.92 -1.57
N PRO A 78 -2.73 -12.68 -1.64
CA PRO A 78 -1.41 -12.07 -1.77
C PRO A 78 -1.27 -11.21 -3.03
N GLU A 79 -1.89 -11.63 -4.13
CA GLU A 79 -1.78 -10.86 -5.39
C GLU A 79 -2.48 -9.52 -5.18
N GLY A 80 -3.68 -9.53 -4.59
CA GLY A 80 -4.39 -8.28 -4.30
C GLY A 80 -3.57 -7.36 -3.42
N PHE A 81 -2.95 -7.93 -2.39
CA PHE A 81 -2.09 -7.12 -1.51
C PHE A 81 -0.94 -6.53 -2.31
N ASN A 82 -0.26 -7.35 -3.12
CA ASN A 82 0.91 -6.88 -3.89
C ASN A 82 0.51 -5.73 -4.84
N ILE A 83 -0.66 -5.85 -5.47
CA ILE A 83 -1.18 -4.81 -6.37
C ILE A 83 -1.31 -3.51 -5.58
N LEU A 84 -1.86 -3.59 -4.39
CA LEU A 84 -2.10 -2.36 -3.61
C LEU A 84 -0.79 -1.81 -3.06
N LEU A 85 0.14 -2.65 -2.64
CA LEU A 85 1.45 -2.17 -2.19
C LEU A 85 2.15 -1.46 -3.35
N ASP A 86 2.11 -2.02 -4.54
CA ASP A 86 2.70 -1.35 -5.71
C ASP A 86 2.01 -0.02 -5.97
N PHE A 87 0.68 0.05 -5.86
CA PHE A 87 -0.06 1.32 -6.01
C PHE A 87 0.46 2.35 -5.00
N MET A 88 0.67 1.93 -3.75
CA MET A 88 1.12 2.89 -2.71
C MET A 88 2.38 3.59 -3.16
N TYR A 89 3.30 2.82 -3.74
CA TYR A 89 4.64 3.30 -4.10
C TYR A 89 4.73 3.86 -5.53
N THR A 90 3.66 3.84 -6.31
CA THR A 90 3.75 4.25 -7.74
C THR A 90 2.59 5.14 -8.22
N SER A 91 1.46 5.19 -7.52
CA SER A 91 0.27 5.94 -8.00
C SER A 91 -0.41 5.23 -9.17
N ARG A 92 -0.04 3.98 -9.45
CA ARG A 92 -0.59 3.23 -10.58
C ARG A 92 -1.27 1.98 -10.04
N LEU A 93 -2.51 1.78 -10.43
CA LEU A 93 -3.34 0.66 -9.97
C LEU A 93 -3.60 -0.28 -11.12
N ASN A 94 -3.15 -1.51 -10.96
CA ASN A 94 -3.30 -2.57 -12.01
C ASN A 94 -4.64 -3.27 -11.79
N LEU A 95 -5.75 -2.66 -12.24
CA LEU A 95 -7.13 -3.21 -12.06
C LEU A 95 -7.54 -3.92 -13.37
N ARG A 96 -7.97 -5.17 -13.27
CA ARG A 96 -8.40 -6.01 -14.42
C ARG A 96 -9.68 -6.74 -14.01
N GLU A 97 -10.43 -7.32 -14.95
CA GLU A 97 -11.65 -8.10 -14.65
C GLU A 97 -11.26 -9.29 -13.74
N GLY A 98 -10.09 -9.86 -13.94
CA GLY A 98 -9.67 -11.08 -13.21
C GLY A 98 -9.24 -10.79 -11.77
N ASN A 99 -8.95 -9.53 -11.44
CA ASN A 99 -8.44 -9.19 -10.07
C ASN A 99 -9.32 -8.15 -9.38
N ILE A 100 -10.35 -7.59 -9.98
CA ILE A 100 -11.08 -6.43 -9.38
C ILE A 100 -11.65 -6.84 -8.03
N MET A 101 -12.28 -8.01 -7.93
CA MET A 101 -12.97 -8.32 -6.67
C MET A 101 -11.95 -8.48 -5.55
N ALA A 102 -10.84 -9.18 -5.80
CA ALA A 102 -9.80 -9.37 -4.76
C ALA A 102 -9.17 -8.03 -4.39
N VAL A 103 -8.90 -7.19 -5.38
CA VAL A 103 -8.29 -5.87 -5.10
C VAL A 103 -9.26 -5.03 -4.24
N MET A 104 -10.54 -5.03 -4.60
CA MET A 104 -11.55 -4.22 -3.90
C MET A 104 -11.65 -4.73 -2.45
N ALA A 105 -11.74 -6.03 -2.25
CA ALA A 105 -11.88 -6.55 -0.87
C ALA A 105 -10.63 -6.25 -0.07
N THR A 106 -9.47 -6.34 -0.69
CA THR A 106 -8.20 -6.06 0.00
C THR A 106 -8.14 -4.57 0.34
N ALA A 107 -8.55 -3.70 -0.56
CA ALA A 107 -8.54 -2.26 -0.29
C ALA A 107 -9.51 -1.91 0.84
N MET A 108 -10.64 -2.61 0.94
CA MET A 108 -11.55 -2.39 2.08
C MET A 108 -10.85 -2.73 3.40
N TYR A 109 -10.20 -3.88 3.43
CA TYR A 109 -9.46 -4.35 4.63
C TYR A 109 -8.33 -3.38 4.96
N LEU A 110 -7.58 -2.93 3.96
CA LEU A 110 -6.48 -1.98 4.25
C LEU A 110 -6.99 -0.56 4.51
N GLN A 111 -8.26 -0.30 4.32
CA GLN A 111 -8.88 1.01 4.55
C GLN A 111 -8.25 2.02 3.59
N MET A 112 -8.51 1.80 2.31
CA MET A 112 -7.98 2.61 1.19
C MET A 112 -9.15 3.07 0.33
N GLU A 113 -9.78 4.17 0.75
CA GLU A 113 -11.09 4.53 0.17
C GLU A 113 -11.02 4.87 -1.33
N HIS A 114 -10.03 5.63 -1.78
CA HIS A 114 -10.03 6.04 -3.20
C HIS A 114 -9.95 4.81 -4.10
N VAL A 115 -9.17 3.79 -3.72
CA VAL A 115 -9.09 2.55 -4.52
C VAL A 115 -10.45 1.85 -4.45
N VAL A 116 -11.06 1.76 -3.26
CA VAL A 116 -12.38 1.09 -3.20
C VAL A 116 -13.36 1.83 -4.11
N ASP A 117 -13.36 3.15 -4.06
CA ASP A 117 -14.26 3.95 -4.93
C ASP A 117 -13.95 3.68 -6.41
N THR A 118 -12.67 3.61 -6.76
CA THR A 118 -12.23 3.33 -8.16
C THR A 118 -12.70 1.93 -8.58
N CYS A 119 -12.64 0.95 -7.67
CA CYS A 119 -13.14 -0.40 -7.94
C CYS A 119 -14.64 -0.30 -8.24
N ARG A 120 -15.39 0.49 -7.46
CA ARG A 120 -16.84 0.65 -7.73
C ARG A 120 -17.04 1.27 -9.11
N LYS A 121 -16.25 2.27 -9.46
CA LYS A 121 -16.34 2.91 -10.82
C LYS A 121 -16.04 1.87 -11.91
N PHE A 122 -15.06 1.00 -11.69
CA PHE A 122 -14.65 -0.06 -12.63
C PHE A 122 -15.83 -1.00 -12.85
N ILE A 123 -16.49 -1.42 -11.76
CA ILE A 123 -17.67 -2.32 -11.84
C ILE A 123 -18.77 -1.61 -12.64
N LYS A 124 -19.04 -0.34 -12.33
CA LYS A 124 -20.13 0.44 -13.00
C LYS A 124 -19.83 0.59 -14.49
N ALA A 125 -18.55 0.60 -14.89
CA ALA A 125 -18.11 0.71 -16.29
C ALA A 125 -18.01 -0.65 -16.99
N SER A 126 -18.17 -1.77 -16.28
CA SER A 126 -18.15 -3.14 -16.84
C SER A 126 -16.95 -3.31 -17.78
#